data_6J1G
#
_entry.id   6J1G
#
_cell.length_a   88.480
_cell.length_b   88.480
_cell.length_c   161.760
_cell.angle_alpha   90.00
_cell.angle_beta   90.00
_cell.angle_gamma   90.00
#
_symmetry.space_group_name_H-M   'P 41 21 2'
#
loop_
_entity.id
_entity.type
_entity.pdbx_description
1 polymer 'Hydrogenase regulation HoxX'
2 non-polymer 'COENZYME A'
3 non-polymer GLYCEROL
4 water water
#
_entity_poly.entity_id   1
_entity_poly.type   'polypeptide(L)'
_entity_poly.pdbx_seq_one_letter_code
;MGSSHHHHHHSSGLVPRGSHMRILFLSYAFNSLSARLYCELTEREHEVSVELDVHPDLTVEAAELYKPDLIIAPFLKRKI
PQEVWKKYKTLIIHPGPPGDRGPNALDWAIMKGERIWGVTLLEASEEYDAGDVWAYRTFPMRFARKASIYANEVTEGVVE
CVLEALENFERGDFKPTPQKEHWWNPKMEQELRRVDWEQDDTKTVLRKVYASDSQPGASSKVLGKEVLLFNAYPEEELKG
KPGEVLALRDEAVCIGTRDGAVWITHMRERKKESIKLPSARVLGEFLKGVKEDPIKPWEKVDFKTYREILYEEEDGIGFI
HFNFYNGAMSTEQCYRLLETIKYAKKRPVKAIVLLGSEDFFSNGMNLNTIENAESPADESWRNINAIDDVCEEILKTPDK
LTVAGMQGNAGAGGVFLALTCDLVFAREGVVLNPHYKNIGNLYGSEFWTYTLPKRVGWEKGKEVMENRMPISSKKAFEIG
LIDGVFGKTPKEFRQRLKERIKNFINSKDFYEFIEKKKKERTSGEWLEEIQKCREHELEKMKLNFYGFDTSYHIARYYFV
RAKPHFRTPPYLAIHRRLKFSL
;
_entity_poly.pdbx_strand_id   A
#
loop_
_chem_comp.id
_chem_comp.type
_chem_comp.name
_chem_comp.formula
COA non-polymer 'COENZYME A' 'C21 H36 N7 O16 P3 S'
GOL non-polymer GLYCEROL 'C3 H8 O3'
#
# COMPACT_ATOMS: atom_id res chain seq x y z
N SER A 19 -28.64 1.78 17.24
CA SER A 19 -28.17 1.15 16.01
C SER A 19 -27.24 2.05 15.18
N HIS A 20 -27.65 3.30 14.93
CA HIS A 20 -26.88 4.27 14.13
C HIS A 20 -26.07 5.14 15.07
N MET A 21 -24.88 4.67 15.46
CA MET A 21 -24.05 5.39 16.40
C MET A 21 -23.29 6.52 15.72
N ARG A 22 -22.92 7.51 16.52
CA ARG A 22 -22.13 8.64 16.05
C ARG A 22 -20.73 8.51 16.64
N ILE A 23 -19.74 8.31 15.78
CA ILE A 23 -18.41 7.89 16.21
C ILE A 23 -17.41 8.95 15.78
N LEU A 24 -16.60 9.40 16.73
CA LEU A 24 -15.61 10.41 16.45
C LEU A 24 -14.22 9.77 16.52
N PHE A 25 -13.47 9.87 15.42
CA PHE A 25 -12.10 9.35 15.34
C PHE A 25 -11.11 10.41 15.78
N LEU A 26 -10.23 10.04 16.72
CA LEU A 26 -9.05 10.84 17.10
C LEU A 26 -7.83 10.06 16.64
N SER A 27 -7.18 10.56 15.61
CA SER A 27 -5.94 9.97 15.11
C SER A 27 -4.92 11.06 14.90
N TYR A 28 -3.65 10.69 15.00
CA TYR A 28 -2.58 11.58 14.59
C TYR A 28 -2.69 11.89 13.10
N ALA A 29 -2.90 10.86 12.29
CA ALA A 29 -3.06 11.01 10.85
C ALA A 29 -4.18 10.10 10.39
N PHE A 30 -4.74 10.40 9.22
CA PHE A 30 -5.73 9.51 8.64
C PHE A 30 -5.00 8.41 7.85
N ASN A 31 -4.41 7.47 8.60
CA ASN A 31 -3.54 6.43 8.04
C ASN A 31 -4.36 5.24 7.56
N SER A 32 -3.68 4.16 7.12
CA SER A 32 -4.40 3.06 6.48
C SER A 32 -5.42 2.42 7.42
N LEU A 33 -5.03 2.19 8.68
CA LEU A 33 -5.96 1.56 9.62
C LEU A 33 -7.15 2.47 9.90
N SER A 34 -6.93 3.78 10.00
CA SER A 34 -8.05 4.70 10.21
C SER A 34 -9.00 4.68 9.01
N ALA A 35 -8.43 4.64 7.80
CA ALA A 35 -9.25 4.58 6.60
C ALA A 35 -10.10 3.31 6.57
N ARG A 36 -9.47 2.16 6.85
CA ARG A 36 -10.19 0.90 6.86
C ARG A 36 -11.36 0.91 7.87
N LEU A 37 -11.11 1.42 9.08
CA LEU A 37 -12.18 1.52 10.08
C LEU A 37 -13.29 2.45 9.59
N TYR A 38 -12.90 3.61 9.05
CA TYR A 38 -13.85 4.54 8.46
C TYR A 38 -14.79 3.83 7.50
N CYS A 39 -14.24 3.04 6.58
CA CYS A 39 -15.08 2.28 5.65
C CYS A 39 -15.98 1.30 6.38
N GLU A 40 -15.41 0.50 7.29
CA GLU A 40 -16.18 -0.55 7.95
C GLU A 40 -17.38 0.04 8.71
N LEU A 41 -17.19 1.18 9.37
CA LEU A 41 -18.28 1.78 10.13
C LEU A 41 -19.20 2.59 9.23
N THR A 42 -18.64 3.38 8.31
CA THR A 42 -19.45 4.18 7.40
C THR A 42 -20.41 3.29 6.60
N GLU A 43 -19.89 2.21 6.02
CA GLU A 43 -20.69 1.33 5.18
C GLU A 43 -21.62 0.45 6.00
N ARG A 44 -21.64 0.65 7.32
CA ARG A 44 -22.63 0.05 8.21
C ARG A 44 -23.63 1.07 8.73
N GLU A 45 -23.72 2.23 8.07
CA GLU A 45 -24.70 3.28 8.35
C GLU A 45 -24.38 4.09 9.60
N HIS A 46 -23.17 3.97 10.14
CA HIS A 46 -22.79 4.83 11.25
C HIS A 46 -22.27 6.16 10.72
N GLU A 47 -22.15 7.12 11.62
CA GLU A 47 -21.68 8.47 11.30
C GLU A 47 -20.33 8.66 11.97
N VAL A 48 -19.30 8.90 11.16
CA VAL A 48 -17.93 9.00 11.64
C VAL A 48 -17.40 10.40 11.33
N SER A 49 -16.95 11.11 12.36
CA SER A 49 -16.19 12.33 12.18
C SER A 49 -14.75 12.05 12.56
N VAL A 50 -13.82 12.50 11.72
CA VAL A 50 -12.39 12.29 11.92
C VAL A 50 -11.77 13.62 12.30
N GLU A 51 -11.01 13.63 13.39
CA GLU A 51 -10.32 14.83 13.86
C GLU A 51 -8.86 14.49 14.07
N LEU A 52 -7.99 14.97 13.19
CA LEU A 52 -6.57 14.64 13.26
C LEU A 52 -5.95 15.36 14.45
N ASP A 53 -5.41 14.59 15.40
CA ASP A 53 -5.22 15.14 16.75
C ASP A 53 -4.41 16.42 16.67
N VAL A 54 -4.95 17.43 17.33
CA VAL A 54 -4.48 18.79 17.25
C VAL A 54 -4.00 19.12 18.65
N HIS A 55 -3.93 20.41 19.00
CA HIS A 55 -3.71 20.73 20.40
C HIS A 55 -4.91 20.26 21.21
N PRO A 56 -4.71 19.82 22.47
CA PRO A 56 -5.82 19.24 23.25
C PRO A 56 -7.03 20.16 23.40
N ASP A 57 -6.91 21.39 22.89
CA ASP A 57 -7.96 22.40 22.95
C ASP A 57 -8.96 22.25 21.80
N LEU A 58 -8.46 22.25 20.56
CA LEU A 58 -9.31 21.86 19.44
C LEU A 58 -9.91 20.49 19.70
N THR A 59 -9.17 19.63 20.41
CA THR A 59 -9.65 18.30 20.76
C THR A 59 -10.88 18.37 21.64
N VAL A 60 -10.79 19.07 22.78
CA VAL A 60 -11.94 19.19 23.67
C VAL A 60 -13.07 19.95 22.96
N GLU A 61 -12.73 21.01 22.23
CA GLU A 61 -13.76 21.80 21.58
C GLU A 61 -14.46 21.01 20.47
N ALA A 62 -13.73 20.14 19.76
CA ALA A 62 -14.37 19.39 18.67
C ALA A 62 -15.20 18.23 19.19
N ALA A 63 -14.84 17.64 20.33
CA ALA A 63 -15.72 16.68 20.99
C ALA A 63 -16.99 17.36 21.49
N GLU A 64 -16.86 18.60 21.97
CA GLU A 64 -18.03 19.37 22.36
C GLU A 64 -18.95 19.61 21.17
N LEU A 65 -18.41 20.18 20.09
CA LEU A 65 -19.24 20.51 18.93
C LEU A 65 -19.84 19.25 18.29
N TYR A 66 -19.04 18.19 18.14
CA TYR A 66 -19.56 17.02 17.45
C TYR A 66 -20.42 16.11 18.35
N LYS A 67 -20.14 16.05 19.65
CA LYS A 67 -21.00 15.35 20.61
C LYS A 67 -21.16 13.86 20.30
N PRO A 68 -20.11 13.06 20.37
CA PRO A 68 -20.19 11.68 19.89
C PRO A 68 -20.83 10.73 20.89
N ASP A 69 -21.37 9.62 20.34
CA ASP A 69 -21.77 8.45 21.13
C ASP A 69 -20.57 7.62 21.57
N LEU A 70 -19.49 7.65 20.80
CA LEU A 70 -18.36 6.76 21.01
C LEU A 70 -17.15 7.37 20.33
N ILE A 71 -16.00 7.34 21.02
CA ILE A 71 -14.76 7.86 20.46
C ILE A 71 -13.81 6.70 20.23
N ILE A 72 -13.33 6.55 19.00
CA ILE A 72 -12.28 5.60 18.64
C ILE A 72 -11.01 6.39 18.39
N ALA A 73 -9.88 5.90 18.91
CA ALA A 73 -8.56 6.41 18.55
C ALA A 73 -7.81 5.30 17.83
N PRO A 74 -7.89 5.23 16.51
CA PRO A 74 -7.16 4.19 15.78
C PRO A 74 -5.66 4.38 15.80
N PHE A 75 -5.15 5.57 16.10
CA PHE A 75 -3.78 5.89 15.76
C PHE A 75 -3.29 7.12 16.52
N LEU A 76 -2.96 7.00 17.82
CA LEU A 76 -2.61 8.16 18.62
C LEU A 76 -1.14 8.14 19.00
N LYS A 77 -0.58 9.35 19.17
CA LYS A 77 0.81 9.52 19.60
C LYS A 77 0.92 10.47 20.78
N ARG A 78 -0.16 10.64 21.54
CA ARG A 78 -0.23 11.57 22.66
C ARG A 78 -1.51 11.30 23.44
N LYS A 79 -1.55 11.79 24.68
CA LYS A 79 -2.66 11.51 25.58
C LYS A 79 -3.89 12.32 25.22
N ILE A 80 -5.03 11.64 25.22
CA ILE A 80 -6.31 12.33 25.08
C ILE A 80 -6.60 13.06 26.37
N PRO A 81 -7.11 14.31 26.32
CA PRO A 81 -7.38 15.05 27.56
C PRO A 81 -8.32 14.28 28.48
N GLN A 82 -7.97 14.23 29.76
CA GLN A 82 -8.79 13.54 30.76
C GLN A 82 -10.21 14.06 30.74
N GLU A 83 -10.37 15.34 30.41
CA GLU A 83 -11.68 15.94 30.21
C GLU A 83 -12.52 15.13 29.23
N VAL A 84 -11.97 14.83 28.06
CA VAL A 84 -12.75 14.25 26.98
C VAL A 84 -13.24 12.86 27.35
N TRP A 85 -12.31 11.97 27.73
CA TRP A 85 -12.65 10.56 27.87
C TRP A 85 -13.33 10.23 29.19
N LYS A 86 -13.23 11.11 30.20
CA LYS A 86 -14.09 10.97 31.36
C LYS A 86 -15.54 11.33 31.06
N LYS A 87 -15.81 11.97 29.91
CA LYS A 87 -17.16 12.33 29.49
C LYS A 87 -17.67 11.52 28.30
N TYR A 88 -16.79 10.97 27.48
CA TYR A 88 -17.20 10.13 26.37
C TYR A 88 -16.43 8.81 26.42
N LYS A 89 -17.12 7.73 26.07
CA LYS A 89 -16.47 6.43 26.02
C LYS A 89 -15.39 6.47 24.94
N THR A 90 -14.15 6.23 25.38
CA THR A 90 -12.99 6.41 24.52
C THR A 90 -12.25 5.08 24.49
N LEU A 91 -12.12 4.52 23.28
CA LEU A 91 -11.47 3.24 23.05
C LEU A 91 -10.21 3.44 22.21
N ILE A 92 -9.10 2.88 22.70
CA ILE A 92 -7.77 3.08 22.12
C ILE A 92 -7.34 1.79 21.44
N ILE A 93 -6.76 1.91 20.26
CA ILE A 93 -6.19 0.79 19.55
C ILE A 93 -4.74 0.62 19.97
N HIS A 94 -4.33 -0.61 20.30
CA HIS A 94 -2.94 -0.89 20.64
C HIS A 94 -2.47 -2.11 19.85
N PRO A 95 -1.42 -1.99 19.02
CA PRO A 95 -0.89 -3.11 18.25
C PRO A 95 -0.05 -4.09 19.08
N GLY A 96 -0.60 -4.50 20.23
CA GLY A 96 0.00 -5.54 21.04
C GLY A 96 -1.07 -6.38 21.68
N PRO A 97 -0.68 -7.52 22.25
CA PRO A 97 -1.63 -8.30 23.04
C PRO A 97 -2.04 -7.54 24.29
N PRO A 98 -3.11 -7.95 24.97
CA PRO A 98 -3.42 -7.37 26.28
C PRO A 98 -2.21 -7.42 27.20
N GLY A 99 -2.03 -6.33 27.95
CA GLY A 99 -0.88 -6.18 28.82
C GLY A 99 0.32 -5.49 28.20
N ASP A 100 0.48 -5.54 26.88
CA ASP A 100 1.62 -4.88 26.24
C ASP A 100 1.36 -3.38 26.22
N ARG A 101 2.30 -2.59 26.77
CA ARG A 101 2.17 -1.13 26.78
C ARG A 101 3.43 -0.48 26.19
N GLY A 102 3.24 0.66 25.52
CA GLY A 102 4.36 1.35 24.93
C GLY A 102 4.06 1.81 23.50
N PRO A 103 4.92 2.63 22.95
CA PRO A 103 4.58 3.30 21.68
C PRO A 103 5.17 2.62 20.47
N ASN A 104 6.03 1.62 20.67
CA ASN A 104 6.59 0.87 19.55
C ASN A 104 6.30 -0.62 19.68
N ALA A 105 5.04 -0.98 19.92
CA ALA A 105 4.73 -2.38 20.22
C ALA A 105 5.22 -3.33 19.12
N LEU A 106 4.91 -3.03 17.86
CA LEU A 106 5.35 -3.90 16.77
C LEU A 106 6.87 -3.91 16.58
N ASP A 107 7.52 -2.74 16.65
CA ASP A 107 8.98 -2.72 16.56
C ASP A 107 9.61 -3.72 17.53
N TRP A 108 9.13 -3.72 18.79
CA TRP A 108 9.70 -4.61 19.80
C TRP A 108 9.33 -6.07 19.55
N ALA A 109 8.05 -6.32 19.21
CA ALA A 109 7.64 -7.70 18.92
C ALA A 109 8.52 -8.33 17.84
N ILE A 110 8.89 -7.55 16.83
CA ILE A 110 9.71 -8.08 15.74
C ILE A 110 11.16 -8.21 16.16
N MET A 111 11.71 -7.21 16.88
CA MET A 111 13.10 -7.33 17.32
C MET A 111 13.28 -8.52 18.24
N LYS A 112 12.30 -8.75 19.12
CA LYS A 112 12.35 -9.85 20.07
C LYS A 112 11.97 -11.20 19.48
N GLY A 113 11.63 -11.27 18.19
CA GLY A 113 11.28 -12.54 17.59
C GLY A 113 10.05 -13.21 18.17
N GLU A 114 9.06 -12.41 18.58
CA GLU A 114 7.83 -12.98 19.11
C GLU A 114 7.14 -13.87 18.07
N ARG A 115 6.81 -15.10 18.45
CA ARG A 115 6.10 -15.99 17.54
C ARG A 115 4.61 -15.69 17.46
N ILE A 116 4.04 -15.16 18.55
CA ILE A 116 2.62 -14.85 18.62
C ILE A 116 2.46 -13.41 19.09
N TRP A 117 1.53 -12.69 18.48
CA TRP A 117 1.34 -11.29 18.83
C TRP A 117 -0.17 -11.05 18.81
N GLY A 118 -0.57 -9.79 18.82
CA GLY A 118 -1.99 -9.51 18.81
C GLY A 118 -2.24 -8.02 18.87
N VAL A 119 -3.52 -7.67 18.90
CA VAL A 119 -3.98 -6.29 18.94
C VAL A 119 -5.02 -6.15 20.06
N THR A 120 -5.01 -5.01 20.73
CA THR A 120 -5.91 -4.78 21.85
C THR A 120 -6.69 -3.47 21.69
N LEU A 121 -7.98 -3.53 21.98
CA LEU A 121 -8.84 -2.35 22.12
C LEU A 121 -9.08 -2.13 23.61
N LEU A 122 -8.47 -1.10 24.19
CA LEU A 122 -8.57 -0.83 25.60
C LEU A 122 -9.10 0.58 25.84
N GLU A 123 -9.63 0.79 27.05
CA GLU A 123 -10.17 2.09 27.44
C GLU A 123 -9.07 3.12 27.67
N ALA A 124 -9.41 4.38 27.43
CA ALA A 124 -8.55 5.49 27.81
C ALA A 124 -8.45 5.60 29.33
N SER A 125 -7.29 5.96 29.83
CA SER A 125 -7.10 6.13 31.27
C SER A 125 -5.91 7.03 31.52
N GLU A 126 -5.74 7.42 32.80
CA GLU A 126 -4.70 8.39 33.16
C GLU A 126 -3.30 7.90 32.84
N GLU A 127 -3.03 6.59 32.96
CA GLU A 127 -1.73 6.03 32.63
C GLU A 127 -1.74 5.46 31.21
N TYR A 128 -0.60 5.60 30.52
CA TYR A 128 -0.47 5.16 29.12
C TYR A 128 -0.73 3.67 28.98
N ASP A 129 -1.76 3.33 28.18
CA ASP A 129 -2.08 1.97 27.76
C ASP A 129 -2.56 1.07 28.91
N ALA A 130 -3.02 1.64 30.02
CA ALA A 130 -3.35 0.83 31.18
C ALA A 130 -4.84 0.54 31.34
N GLY A 131 -5.69 1.13 30.49
CA GLY A 131 -7.12 0.97 30.63
C GLY A 131 -7.57 -0.47 30.41
N ASP A 132 -8.80 -0.73 30.87
CA ASP A 132 -9.39 -2.07 30.77
C ASP A 132 -9.65 -2.43 29.32
N VAL A 133 -9.68 -3.75 29.05
CA VAL A 133 -9.73 -4.29 27.70
C VAL A 133 -11.18 -4.54 27.29
N TRP A 134 -11.56 -4.00 26.13
CA TRP A 134 -12.87 -4.23 25.51
C TRP A 134 -12.89 -5.35 24.47
N ALA A 135 -11.75 -5.64 23.83
CA ALA A 135 -11.64 -6.70 22.84
C ALA A 135 -10.18 -6.85 22.47
N TYR A 136 -9.81 -8.04 22.03
CA TYR A 136 -8.46 -8.27 21.52
C TYR A 136 -8.49 -9.45 20.56
N ARG A 137 -7.43 -9.57 19.77
CA ARG A 137 -7.19 -10.73 18.94
C ARG A 137 -5.72 -11.11 19.06
N THR A 138 -5.42 -12.40 18.86
CA THR A 138 -4.05 -12.88 18.74
C THR A 138 -3.91 -13.51 17.35
N PHE A 139 -2.66 -13.68 16.91
CA PHE A 139 -2.38 -14.20 15.58
C PHE A 139 -0.94 -14.68 15.51
N PRO A 140 -0.64 -15.68 14.71
CA PRO A 140 0.77 -16.08 14.53
C PRO A 140 1.50 -15.03 13.71
N MET A 141 2.72 -14.74 14.11
CA MET A 141 3.49 -13.64 13.52
C MET A 141 4.34 -14.13 12.36
N ARG A 142 4.19 -13.52 11.18
CA ARG A 142 5.08 -13.80 10.07
C ARG A 142 6.41 -13.07 10.27
N PHE A 143 7.48 -13.62 9.69
CA PHE A 143 8.75 -12.90 9.55
C PHE A 143 8.62 -11.96 8.35
N ALA A 144 8.45 -10.66 8.60
CA ALA A 144 7.96 -9.72 7.58
C ALA A 144 8.09 -8.28 8.04
N ARG A 145 7.99 -7.37 7.08
CA ARG A 145 8.07 -5.94 7.33
C ARG A 145 7.00 -5.49 8.31
N LYS A 146 7.37 -4.58 9.20
CA LYS A 146 6.40 -4.04 10.14
C LYS A 146 5.15 -3.51 9.41
N ALA A 147 5.33 -2.66 8.39
CA ALA A 147 4.16 -2.13 7.68
C ALA A 147 3.22 -3.22 7.22
N SER A 148 3.73 -4.40 6.91
CA SER A 148 2.87 -5.45 6.38
C SER A 148 2.12 -6.19 7.48
N ILE A 149 2.75 -6.44 8.63
CA ILE A 149 2.02 -6.95 9.78
C ILE A 149 0.89 -6.00 10.14
N TYR A 150 1.22 -4.72 10.21
CA TYR A 150 0.25 -3.69 10.56
C TYR A 150 -0.92 -3.67 9.57
N ALA A 151 -0.61 -3.70 8.29
CA ALA A 151 -1.62 -3.55 7.25
C ALA A 151 -2.45 -4.80 7.03
N ASN A 152 -1.99 -5.96 7.49
CA ASN A 152 -2.78 -7.18 7.32
C ASN A 152 -3.29 -7.70 8.66
N GLU A 153 -2.43 -8.39 9.44
CA GLU A 153 -2.88 -9.03 10.67
C GLU A 153 -3.44 -8.01 11.65
N VAL A 154 -2.72 -6.92 11.89
CA VAL A 154 -3.18 -5.90 12.84
C VAL A 154 -4.48 -5.27 12.37
N THR A 155 -4.55 -4.89 11.11
CA THR A 155 -5.73 -4.21 10.61
C THR A 155 -6.96 -5.11 10.70
N GLU A 156 -6.82 -6.35 10.28
CA GLU A 156 -7.95 -7.26 10.33
C GLU A 156 -8.40 -7.51 11.77
N GLY A 157 -7.45 -7.69 12.69
CA GLY A 157 -7.82 -7.90 14.07
C GLY A 157 -8.56 -6.70 14.66
N VAL A 158 -8.07 -5.49 14.34
CA VAL A 158 -8.64 -4.27 14.89
C VAL A 158 -10.07 -4.12 14.42
N VAL A 159 -10.35 -4.50 13.17
CA VAL A 159 -11.72 -4.43 12.67
C VAL A 159 -12.63 -5.35 13.45
N GLU A 160 -12.15 -6.55 13.78
CA GLU A 160 -12.98 -7.47 14.54
C GLU A 160 -13.25 -6.93 15.93
N CYS A 161 -12.20 -6.47 16.61
CA CYS A 161 -12.33 -5.86 17.92
C CYS A 161 -13.37 -4.74 17.93
N VAL A 162 -13.27 -3.80 16.99
CA VAL A 162 -14.15 -2.63 17.02
C VAL A 162 -15.60 -3.04 16.82
N LEU A 163 -15.86 -3.98 15.91
CA LEU A 163 -17.25 -4.43 15.71
C LEU A 163 -17.77 -5.09 16.96
N GLU A 164 -16.96 -5.98 17.56
CA GLU A 164 -17.34 -6.58 18.83
C GLU A 164 -17.64 -5.53 19.88
N ALA A 165 -16.78 -4.52 19.99
CA ALA A 165 -17.03 -3.49 21.00
C ALA A 165 -18.27 -2.68 20.67
N LEU A 166 -18.53 -2.44 19.39
CA LEU A 166 -19.76 -1.77 18.98
C LEU A 166 -20.99 -2.58 19.37
N GLU A 167 -20.91 -3.91 19.25
CA GLU A 167 -22.02 -4.74 19.70
C GLU A 167 -22.16 -4.67 21.22
N ASN A 168 -21.05 -4.82 21.94
CA ASN A 168 -21.10 -4.76 23.40
C ASN A 168 -21.59 -3.40 23.88
N PHE A 169 -21.29 -2.34 23.13
CA PHE A 169 -21.67 -0.99 23.55
C PHE A 169 -23.17 -0.76 23.38
N GLU A 170 -23.69 -1.02 22.17
CA GLU A 170 -25.12 -0.83 21.94
C GLU A 170 -25.97 -1.71 22.86
N ARG A 171 -25.42 -2.84 23.31
CA ARG A 171 -26.06 -3.65 24.33
C ARG A 171 -25.99 -3.00 25.71
N GLY A 172 -25.19 -1.94 25.87
CA GLY A 172 -25.11 -1.18 27.11
C GLY A 172 -24.63 -1.95 28.33
N ASP A 173 -24.82 -3.27 28.34
CA ASP A 173 -24.51 -4.09 29.49
C ASP A 173 -23.31 -4.96 29.16
N PHE A 174 -22.14 -4.32 29.17
CA PHE A 174 -20.85 -4.97 28.99
C PHE A 174 -19.89 -4.37 29.98
N LYS A 175 -18.99 -5.20 30.51
CA LYS A 175 -17.97 -4.70 31.41
C LYS A 175 -16.61 -5.17 30.92
N PRO A 176 -15.63 -4.27 30.85
CA PRO A 176 -14.33 -4.65 30.31
C PRO A 176 -13.48 -5.40 31.33
N THR A 177 -12.49 -6.11 30.80
CA THR A 177 -11.58 -6.90 31.60
C THR A 177 -10.38 -6.05 31.99
N PRO A 178 -10.19 -5.76 33.27
CA PRO A 178 -8.95 -5.08 33.69
C PRO A 178 -7.72 -5.89 33.29
N GLN A 179 -6.67 -5.17 32.93
CA GLN A 179 -5.40 -5.82 32.68
C GLN A 179 -4.86 -6.49 33.95
N LYS A 180 -3.89 -7.37 33.74
CA LYS A 180 -3.24 -8.06 34.84
C LYS A 180 -1.73 -8.04 34.58
N GLU A 181 -1.16 -9.18 34.22
CA GLU A 181 0.19 -9.18 33.70
C GLU A 181 0.31 -8.07 32.66
N HIS A 182 1.34 -7.24 32.81
CA HIS A 182 1.57 -6.21 31.82
C HIS A 182 3.03 -5.80 31.85
N TRP A 183 3.49 -5.27 30.72
CA TRP A 183 4.88 -4.85 30.58
C TRP A 183 4.92 -3.50 29.85
N TRP A 184 6.07 -2.84 29.90
CA TRP A 184 6.28 -1.55 29.24
C TRP A 184 7.53 -1.60 28.38
N ASN A 185 7.36 -1.35 27.07
CA ASN A 185 8.50 -1.23 26.20
C ASN A 185 8.66 0.22 25.80
N PRO A 186 9.78 0.86 26.13
CA PRO A 186 9.94 2.28 25.75
C PRO A 186 10.15 2.43 24.24
N LYS A 187 10.14 3.68 23.80
CA LYS A 187 10.47 3.98 22.41
C LYS A 187 11.83 3.39 22.07
N MET A 188 11.92 2.79 20.89
CA MET A 188 13.15 2.11 20.47
C MET A 188 14.12 3.12 19.90
N GLU A 189 15.38 3.04 20.34
CA GLU A 189 16.43 3.91 19.85
C GLU A 189 17.13 3.33 18.61
N GLN A 190 17.78 4.21 17.85
CA GLN A 190 18.42 3.78 16.62
C GLN A 190 19.60 2.85 16.88
N GLU A 191 20.26 2.96 18.03
CA GLU A 191 21.36 2.06 18.34
C GLU A 191 20.93 0.61 18.21
N LEU A 192 19.71 0.29 18.65
CA LEU A 192 19.23 -1.08 18.56
C LEU A 192 18.94 -1.48 17.12
N ARG A 193 18.59 -0.53 16.26
CA ARG A 193 18.26 -0.84 14.89
C ARG A 193 19.46 -0.92 13.97
N ARG A 194 20.60 -0.37 14.39
CA ARG A 194 21.73 -0.18 13.48
C ARG A 194 22.22 -1.51 12.91
N VAL A 195 22.30 -1.58 11.57
CA VAL A 195 22.83 -2.76 10.89
C VAL A 195 24.34 -2.63 10.79
N ASP A 196 25.05 -3.58 11.40
CA ASP A 196 26.51 -3.67 11.34
C ASP A 196 26.88 -4.86 10.46
N TRP A 197 27.35 -4.58 9.24
CA TRP A 197 27.49 -5.61 8.21
C TRP A 197 28.46 -6.72 8.62
N GLU A 198 29.52 -6.39 9.34
CA GLU A 198 30.53 -7.39 9.68
C GLU A 198 30.06 -8.28 10.83
N GLN A 199 29.21 -7.78 11.70
CA GLN A 199 28.75 -8.57 12.83
C GLN A 199 27.39 -9.23 12.63
N ASP A 200 26.59 -8.76 11.66
CA ASP A 200 25.18 -9.17 11.53
C ASP A 200 25.00 -10.15 10.38
N ASP A 201 24.47 -11.34 10.68
CA ASP A 201 24.10 -12.26 9.61
C ASP A 201 22.86 -11.76 8.86
N THR A 202 22.54 -12.44 7.76
CA THR A 202 21.40 -12.06 6.94
C THR A 202 20.11 -12.01 7.77
N LYS A 203 19.88 -13.02 8.62
CA LYS A 203 18.68 -13.04 9.45
C LYS A 203 18.57 -11.81 10.33
N THR A 204 19.68 -11.40 10.93
CA THR A 204 19.69 -10.26 11.85
C THR A 204 19.45 -8.96 11.10
N VAL A 205 19.93 -8.86 9.85
CA VAL A 205 19.69 -7.67 9.04
C VAL A 205 18.23 -7.61 8.60
N LEU A 206 17.67 -8.76 8.21
CA LEU A 206 16.25 -8.81 7.89
C LEU A 206 15.40 -8.39 9.09
N ARG A 207 15.75 -8.85 10.29
CA ARG A 207 14.97 -8.50 11.47
C ARG A 207 15.05 -7.01 11.79
N LYS A 208 16.25 -6.43 11.69
CA LYS A 208 16.43 -5.00 11.98
C LYS A 208 15.67 -4.14 10.97
N VAL A 209 15.86 -4.41 9.68
CA VAL A 209 15.17 -3.65 8.63
C VAL A 209 13.66 -3.90 8.70
N TYR A 210 13.23 -5.16 8.85
CA TYR A 210 11.80 -5.43 9.02
C TYR A 210 11.20 -4.61 10.16
N ALA A 211 11.92 -4.47 11.28
CA ALA A 211 11.34 -3.75 12.41
C ALA A 211 11.29 -2.25 12.21
N SER A 212 11.96 -1.71 11.19
CA SER A 212 11.99 -0.26 10.98
C SER A 212 11.33 0.15 9.67
N ASP A 213 10.67 -0.79 9.00
CA ASP A 213 10.11 -0.60 7.66
C ASP A 213 8.59 -0.48 7.80
N SER A 214 8.05 0.70 7.48
CA SER A 214 8.73 1.68 6.67
C SER A 214 9.22 2.93 7.39
N GLN A 215 9.02 3.01 8.72
CA GLN A 215 9.60 4.09 9.51
C GLN A 215 10.11 3.46 10.80
N PRO A 216 11.24 3.93 11.33
CA PRO A 216 12.11 5.00 10.86
C PRO A 216 13.24 4.61 9.90
N GLY A 217 13.33 3.33 9.53
CA GLY A 217 14.51 2.85 8.83
C GLY A 217 15.58 2.33 9.79
N ALA A 218 16.35 1.37 9.32
CA ALA A 218 17.45 0.79 10.07
C ALA A 218 18.72 1.50 9.62
N SER A 219 19.40 2.16 10.56
CA SER A 219 20.59 2.91 10.23
C SER A 219 21.73 1.95 9.89
N SER A 220 22.68 2.47 9.13
CA SER A 220 23.79 1.67 8.63
C SER A 220 24.79 2.60 7.94
N LYS A 221 25.93 2.02 7.60
CA LYS A 221 26.96 2.66 6.78
C LYS A 221 27.13 1.80 5.55
N VAL A 222 26.94 2.41 4.37
CA VAL A 222 27.09 1.73 3.08
C VAL A 222 27.99 2.60 2.20
N LEU A 223 29.03 1.98 1.62
CA LEU A 223 29.96 2.68 0.74
C LEU A 223 30.51 3.93 1.41
N GLY A 224 30.73 3.85 2.72
CA GLY A 224 31.20 4.99 3.48
C GLY A 224 30.15 6.02 3.81
N LYS A 225 28.95 5.91 3.26
CA LYS A 225 27.89 6.86 3.48
C LYS A 225 26.97 6.40 4.61
N GLU A 226 26.50 7.36 5.39
CA GLU A 226 25.57 7.08 6.48
C GLU A 226 24.13 7.13 5.93
N VAL A 227 23.41 6.00 6.03
CA VAL A 227 22.10 5.83 5.40
C VAL A 227 21.11 5.18 6.38
N LEU A 228 19.83 5.26 6.02
CA LEU A 228 18.78 4.46 6.61
C LEU A 228 18.36 3.41 5.58
N LEU A 229 18.20 2.16 6.00
CA LEU A 229 17.86 1.09 5.06
C LEU A 229 16.35 0.79 5.08
N PHE A 230 15.82 0.39 3.93
CA PHE A 230 14.41 0.02 3.80
C PHE A 230 14.28 -1.14 2.82
N ASN A 231 13.31 -2.00 3.10
CA ASN A 231 12.85 -3.05 2.20
C ASN A 231 13.93 -4.07 1.87
N ALA A 232 14.19 -4.99 2.81
CA ALA A 232 15.27 -5.96 2.71
C ALA A 232 14.78 -7.30 2.15
N TYR A 233 15.64 -7.93 1.32
CA TYR A 233 15.37 -9.26 0.75
C TYR A 233 16.64 -10.10 0.84
N PRO A 234 16.55 -11.36 1.27
CA PRO A 234 17.77 -12.18 1.37
C PRO A 234 18.27 -12.62 0.00
N GLU A 235 19.59 -12.68 -0.14
CA GLU A 235 20.28 -13.09 -1.37
C GLU A 235 21.07 -14.35 -1.07
N GLU A 236 20.81 -15.43 -1.83
CA GLU A 236 21.26 -16.77 -1.53
C GLU A 236 22.37 -17.26 -2.45
N GLU A 237 22.81 -16.44 -3.39
CA GLU A 237 23.73 -16.89 -4.42
C GLU A 237 24.98 -16.03 -4.38
N LEU A 238 24.79 -14.71 -4.51
CA LEU A 238 25.89 -13.77 -4.47
C LEU A 238 26.55 -13.77 -3.07
N LYS A 239 27.89 -13.80 -3.07
CA LYS A 239 28.68 -13.85 -1.84
C LYS A 239 29.84 -12.87 -1.96
N GLY A 240 30.22 -12.28 -0.82
CA GLY A 240 31.39 -11.41 -0.79
C GLY A 240 31.89 -10.99 0.59
N LYS A 241 32.52 -9.84 0.66
CA LYS A 241 33.02 -9.36 1.94
C LYS A 241 31.90 -8.61 2.66
N PRO A 242 31.72 -8.82 3.96
CA PRO A 242 30.68 -8.10 4.71
C PRO A 242 30.72 -6.60 4.41
N GLY A 243 29.57 -6.05 4.09
CA GLY A 243 29.49 -4.65 3.74
C GLY A 243 29.88 -4.31 2.31
N GLU A 244 30.44 -5.26 1.57
CA GLU A 244 30.66 -5.07 0.13
C GLU A 244 29.31 -4.95 -0.59
N VAL A 245 29.27 -4.04 -1.57
CA VAL A 245 28.14 -3.94 -2.49
C VAL A 245 28.39 -4.92 -3.63
N LEU A 246 27.62 -6.00 -3.67
CA LEU A 246 27.90 -7.03 -4.66
C LEU A 246 27.35 -6.67 -6.03
N ALA A 247 26.17 -6.04 -6.11
CA ALA A 247 25.52 -5.88 -7.40
C ALA A 247 24.42 -4.83 -7.32
N LEU A 248 23.96 -4.41 -8.51
CA LEU A 248 22.78 -3.60 -8.74
C LEU A 248 21.72 -4.43 -9.46
N ARG A 249 20.44 -4.15 -9.16
CA ARG A 249 19.35 -4.82 -9.84
C ARG A 249 18.11 -3.96 -9.69
N ASP A 250 17.76 -3.22 -10.76
CA ASP A 250 16.60 -2.33 -10.78
C ASP A 250 16.64 -1.34 -9.61
N GLU A 251 17.81 -0.75 -9.42
CA GLU A 251 18.18 0.30 -8.49
C GLU A 251 18.32 -0.21 -7.06
N ALA A 252 18.06 -1.50 -6.81
CA ALA A 252 18.42 -2.07 -5.52
C ALA A 252 19.92 -2.40 -5.51
N VAL A 253 20.47 -2.56 -4.29
CA VAL A 253 21.85 -2.99 -4.13
C VAL A 253 21.88 -4.24 -3.27
N CYS A 254 22.82 -5.14 -3.59
CA CYS A 254 23.06 -6.36 -2.82
C CYS A 254 24.32 -6.16 -1.99
N ILE A 255 24.19 -6.35 -0.68
CA ILE A 255 25.24 -6.02 0.28
C ILE A 255 25.63 -7.27 1.03
N GLY A 256 26.94 -7.55 1.05
CA GLY A 256 27.42 -8.71 1.80
C GLY A 256 27.18 -8.56 3.29
N THR A 257 26.77 -9.67 3.91
CA THR A 257 26.56 -9.77 5.34
C THR A 257 27.59 -10.72 5.93
N ARG A 258 27.44 -11.03 7.22
CA ARG A 258 28.40 -11.89 7.88
C ARG A 258 28.37 -13.33 7.36
N ASP A 259 27.25 -13.77 6.78
CA ASP A 259 27.11 -15.16 6.33
C ASP A 259 26.44 -15.28 4.97
N GLY A 260 26.38 -14.21 4.20
CA GLY A 260 25.67 -14.24 2.93
C GLY A 260 25.44 -12.84 2.43
N ALA A 261 24.27 -12.55 1.87
CA ALA A 261 24.02 -11.22 1.36
C ALA A 261 22.54 -10.89 1.49
N VAL A 262 22.24 -9.60 1.32
CA VAL A 262 20.90 -9.04 1.47
C VAL A 262 20.73 -7.94 0.42
N TRP A 263 19.58 -7.89 -0.22
CA TRP A 263 19.24 -6.75 -1.07
C TRP A 263 18.57 -5.66 -0.23
N ILE A 264 18.87 -4.40 -0.56
CA ILE A 264 18.17 -3.24 -0.02
C ILE A 264 17.67 -2.39 -1.19
N THR A 265 16.34 -2.38 -1.42
CA THR A 265 15.80 -1.60 -2.54
C THR A 265 15.84 -0.09 -2.27
N HIS A 266 15.58 0.37 -1.04
CA HIS A 266 15.41 1.79 -0.76
C HIS A 266 16.23 2.27 0.43
N MET A 267 16.72 3.50 0.32
CA MET A 267 17.52 4.13 1.36
C MET A 267 17.06 5.57 1.56
N ARG A 268 17.51 6.17 2.66
CA ARG A 268 17.33 7.60 2.89
C ARG A 268 18.60 8.13 3.53
N GLU A 269 19.13 9.24 3.01
CA GLU A 269 20.16 9.94 3.75
C GLU A 269 19.67 10.25 5.17
N ARG A 270 20.61 10.24 6.13
CA ARG A 270 20.27 10.58 7.51
C ARG A 270 20.29 12.08 7.77
N LYS A 271 19.76 12.87 6.86
CA LYS A 271 19.58 14.30 7.03
C LYS A 271 18.09 14.62 7.06
N LYS A 272 17.80 15.90 7.33
CA LYS A 272 16.43 16.30 7.66
C LYS A 272 15.56 16.41 6.41
N GLU A 273 16.07 17.05 5.35
CA GLU A 273 15.24 17.34 4.18
C GLU A 273 15.22 16.21 3.17
N SER A 274 15.97 15.13 3.38
CA SER A 274 16.07 14.09 2.37
C SER A 274 14.93 13.08 2.50
N ILE A 275 14.65 12.38 1.40
CA ILE A 275 13.50 11.50 1.32
C ILE A 275 13.95 10.10 0.90
N LYS A 276 13.12 9.11 1.23
CA LYS A 276 13.37 7.74 0.78
C LYS A 276 13.41 7.68 -0.74
N LEU A 277 14.46 7.09 -1.26
CA LEU A 277 14.56 6.94 -2.71
C LEU A 277 15.09 5.53 -2.96
N PRO A 278 15.05 5.08 -4.22
CA PRO A 278 15.80 3.85 -4.55
C PRO A 278 17.27 4.00 -4.20
N SER A 279 17.85 2.89 -3.72
CA SER A 279 19.21 2.92 -3.20
C SER A 279 20.17 3.52 -4.20
N ALA A 280 20.05 3.11 -5.48
CA ALA A 280 20.97 3.61 -6.49
C ALA A 280 20.89 5.12 -6.61
N ARG A 281 19.73 5.70 -6.33
CA ARG A 281 19.64 7.15 -6.35
C ARG A 281 20.19 7.79 -5.09
N VAL A 282 20.19 7.09 -3.96
CA VAL A 282 20.85 7.63 -2.77
C VAL A 282 22.36 7.48 -2.88
N LEU A 283 22.82 6.28 -3.28
CA LEU A 283 24.24 6.01 -3.34
C LEU A 283 24.89 6.70 -4.53
N GLY A 284 24.18 6.77 -5.66
CA GLY A 284 24.62 7.62 -6.76
C GLY A 284 26.02 7.31 -7.21
N GLU A 285 26.84 8.37 -7.31
CA GLU A 285 28.15 8.27 -7.92
C GLU A 285 29.10 7.35 -7.16
N PHE A 286 28.81 7.03 -5.90
CA PHE A 286 29.67 6.09 -5.17
C PHE A 286 29.60 4.67 -5.72
N LEU A 287 28.70 4.38 -6.65
CA LEU A 287 28.52 3.03 -7.16
C LEU A 287 29.28 2.79 -8.46
N LYS A 288 30.36 3.52 -8.70
CA LYS A 288 31.06 3.44 -9.98
C LYS A 288 31.43 2.00 -10.32
N GLY A 289 32.08 1.31 -9.40
CA GLY A 289 32.54 -0.04 -9.69
C GLY A 289 31.42 -1.00 -10.07
N VAL A 290 30.34 -1.01 -9.28
CA VAL A 290 29.47 -2.18 -9.26
C VAL A 290 28.64 -2.24 -10.53
N LYS A 291 28.36 -3.46 -10.98
CA LYS A 291 27.63 -3.74 -12.22
C LYS A 291 26.21 -4.25 -11.94
N GLU A 292 25.40 -4.27 -12.98
CA GLU A 292 24.06 -4.81 -12.89
C GLU A 292 24.10 -6.33 -12.96
N ASP A 293 23.16 -6.98 -12.24
CA ASP A 293 22.99 -8.44 -12.26
C ASP A 293 21.53 -8.76 -12.54
N PRO A 294 21.09 -8.59 -13.78
CA PRO A 294 19.65 -8.68 -14.08
C PRO A 294 19.12 -10.10 -14.00
N ILE A 295 17.79 -10.20 -13.96
CA ILE A 295 17.04 -11.44 -13.95
C ILE A 295 15.66 -11.15 -14.54
N LYS A 296 15.43 -11.59 -15.78
CA LYS A 296 14.14 -11.34 -16.41
C LYS A 296 13.00 -11.89 -15.54
N PRO A 297 11.83 -11.27 -15.60
CA PRO A 297 10.69 -11.78 -14.83
C PRO A 297 10.26 -13.17 -15.25
N TRP A 298 10.63 -13.63 -16.45
CA TRP A 298 10.22 -14.96 -16.89
C TRP A 298 11.27 -16.04 -16.62
N GLU A 299 12.53 -15.66 -16.37
CA GLU A 299 13.54 -16.63 -15.94
C GLU A 299 13.05 -17.41 -14.72
N LYS A 300 13.53 -18.63 -14.56
CA LYS A 300 13.22 -19.43 -13.38
C LYS A 300 14.49 -19.55 -12.55
N VAL A 301 14.33 -19.41 -11.24
CA VAL A 301 15.45 -19.27 -10.32
C VAL A 301 15.18 -20.12 -9.08
N ASP A 302 16.17 -20.90 -8.67
CA ASP A 302 16.01 -21.92 -7.64
C ASP A 302 16.36 -21.43 -6.25
N PHE A 303 17.01 -20.28 -6.12
CA PHE A 303 17.47 -19.74 -4.86
C PHE A 303 16.75 -18.43 -4.55
N LYS A 304 16.76 -18.04 -3.28
CA LYS A 304 16.13 -16.78 -2.88
C LYS A 304 16.97 -15.60 -3.39
N THR A 305 16.32 -14.69 -4.12
CA THR A 305 16.97 -13.50 -4.66
C THR A 305 15.90 -12.39 -4.68
N TYR A 306 16.24 -11.22 -5.22
CA TYR A 306 15.30 -10.10 -5.26
C TYR A 306 14.70 -9.99 -6.65
N ARG A 307 13.39 -10.16 -6.72
CA ARG A 307 12.66 -10.21 -7.99
C ARG A 307 11.56 -9.16 -7.92
N GLU A 308 11.80 -8.00 -8.53
CA GLU A 308 10.83 -6.91 -8.47
C GLU A 308 9.59 -7.30 -9.22
N ILE A 309 9.75 -7.84 -10.42
CA ILE A 309 8.66 -8.31 -11.24
C ILE A 309 8.85 -9.81 -11.44
N LEU A 310 7.77 -10.56 -11.35
CA LEU A 310 7.78 -12.01 -11.55
C LEU A 310 6.69 -12.40 -12.52
N TYR A 311 7.05 -13.17 -13.55
CA TYR A 311 6.09 -13.71 -14.50
C TYR A 311 6.09 -15.24 -14.42
N GLU A 312 4.90 -15.81 -14.30
CA GLU A 312 4.73 -17.26 -14.17
C GLU A 312 3.43 -17.64 -14.85
N GLU A 313 3.45 -18.77 -15.56
CA GLU A 313 2.31 -19.28 -16.28
C GLU A 313 1.77 -20.51 -15.58
N GLU A 314 0.49 -20.50 -15.26
CA GLU A 314 -0.15 -21.68 -14.67
C GLU A 314 -1.52 -21.85 -15.32
N ASP A 315 -1.76 -23.06 -15.86
CA ASP A 315 -3.05 -23.45 -16.42
C ASP A 315 -3.51 -22.53 -17.56
N GLY A 316 -2.59 -22.17 -18.45
CA GLY A 316 -2.96 -21.29 -19.54
C GLY A 316 -3.17 -19.83 -19.18
N ILE A 317 -2.63 -19.39 -18.05
CA ILE A 317 -2.79 -18.00 -17.59
C ILE A 317 -1.41 -17.39 -17.36
N GLY A 318 -1.26 -16.13 -17.75
CA GLY A 318 -0.05 -15.38 -17.47
C GLY A 318 -0.25 -14.49 -16.25
N PHE A 319 0.56 -14.73 -15.22
CA PHE A 319 0.50 -13.99 -13.96
C PHE A 319 1.70 -13.07 -13.87
N ILE A 320 1.43 -11.77 -13.77
CA ILE A 320 2.46 -10.76 -13.64
C ILE A 320 2.38 -10.23 -12.21
N HIS A 321 3.35 -10.60 -11.39
CA HIS A 321 3.57 -9.97 -10.10
C HIS A 321 4.51 -8.78 -10.30
N PHE A 322 4.17 -7.65 -9.66
CA PHE A 322 5.10 -6.51 -9.61
C PHE A 322 5.08 -5.93 -8.21
N ASN A 323 6.26 -5.86 -7.60
CA ASN A 323 6.40 -5.45 -6.21
C ASN A 323 7.13 -4.11 -6.18
N PHE A 324 6.40 -3.04 -6.40
CA PHE A 324 6.94 -1.70 -6.35
C PHE A 324 6.74 -1.19 -4.93
N TYR A 325 7.84 -0.90 -4.24
CA TYR A 325 7.78 -0.47 -2.85
C TYR A 325 6.70 0.61 -2.68
N ASN A 326 5.87 0.44 -1.64
CA ASN A 326 4.76 1.34 -1.35
C ASN A 326 3.83 1.54 -2.55
N GLY A 327 3.80 0.61 -3.50
CA GLY A 327 2.95 0.77 -4.65
C GLY A 327 3.27 1.96 -5.50
N ALA A 328 4.42 2.62 -5.29
CA ALA A 328 4.80 3.77 -6.10
C ALA A 328 5.46 3.30 -7.39
N MET A 329 4.97 3.77 -8.54
CA MET A 329 5.47 3.32 -9.84
C MET A 329 6.34 4.40 -10.46
N SER A 330 7.66 4.24 -10.38
CA SER A 330 8.53 5.20 -11.04
C SER A 330 8.35 5.11 -12.55
N THR A 331 8.88 6.12 -13.25
CA THR A 331 8.92 6.06 -14.71
C THR A 331 9.58 4.78 -15.18
N GLU A 332 10.77 4.49 -14.63
CA GLU A 332 11.52 3.31 -15.04
C GLU A 332 10.77 2.03 -14.73
N GLN A 333 10.10 1.95 -13.57
CA GLN A 333 9.32 0.76 -13.25
C GLN A 333 8.11 0.63 -14.16
N CYS A 334 7.54 1.73 -14.62
CA CYS A 334 6.45 1.62 -15.59
C CYS A 334 6.93 0.91 -16.84
N TYR A 335 8.15 1.20 -17.28
CA TYR A 335 8.66 0.60 -18.50
C TYR A 335 9.12 -0.84 -18.30
N ARG A 336 9.65 -1.17 -17.11
CA ARG A 336 9.89 -2.59 -16.83
C ARG A 336 8.58 -3.37 -16.86
N LEU A 337 7.53 -2.81 -16.27
CA LEU A 337 6.22 -3.49 -16.30
C LEU A 337 5.69 -3.62 -17.72
N LEU A 338 5.82 -2.56 -18.54
CA LEU A 338 5.27 -2.59 -19.88
C LEU A 338 5.94 -3.66 -20.72
N GLU A 339 7.24 -3.84 -20.51
CA GLU A 339 7.96 -4.90 -21.20
C GLU A 339 7.46 -6.28 -20.79
N THR A 340 7.20 -6.50 -19.49
CA THR A 340 6.66 -7.80 -19.06
C THR A 340 5.24 -8.00 -19.60
N ILE A 341 4.47 -6.94 -19.79
CA ILE A 341 3.18 -7.09 -20.46
C ILE A 341 3.36 -7.48 -21.92
N LYS A 342 4.27 -6.80 -22.62
CA LYS A 342 4.53 -7.14 -24.02
C LYS A 342 5.04 -8.57 -24.16
N TYR A 343 5.87 -9.04 -23.20
CA TYR A 343 6.33 -10.43 -23.25
C TYR A 343 5.17 -11.40 -23.08
N ALA A 344 4.25 -11.09 -22.18
CA ALA A 344 3.11 -11.96 -21.92
C ALA A 344 2.15 -12.01 -23.10
N LYS A 345 1.89 -10.86 -23.76
CA LYS A 345 0.95 -10.87 -24.87
C LYS A 345 1.41 -11.71 -26.04
N LYS A 346 2.70 -12.07 -26.10
CA LYS A 346 3.24 -12.96 -27.11
C LYS A 346 3.38 -14.39 -26.61
N ARG A 347 2.53 -14.82 -25.69
CA ARG A 347 2.69 -16.10 -25.00
C ARG A 347 1.48 -17.00 -25.25
N PRO A 348 1.64 -18.32 -25.06
CA PRO A 348 0.52 -19.26 -25.23
C PRO A 348 -0.43 -19.24 -24.05
N VAL A 349 -1.05 -18.08 -23.80
CA VAL A 349 -1.94 -17.91 -22.65
C VAL A 349 -3.22 -17.22 -23.09
N LYS A 350 -4.34 -17.61 -22.48
CA LYS A 350 -5.64 -17.07 -22.83
C LYS A 350 -6.02 -15.85 -22.00
N ALA A 351 -5.53 -15.79 -20.76
CA ALA A 351 -5.75 -14.65 -19.89
C ALA A 351 -4.42 -14.15 -19.33
N ILE A 352 -4.38 -12.86 -19.01
CA ILE A 352 -3.23 -12.20 -18.42
C ILE A 352 -3.69 -11.45 -17.18
N VAL A 353 -3.12 -11.80 -16.02
CA VAL A 353 -3.57 -11.24 -14.74
C VAL A 353 -2.46 -10.39 -14.15
N LEU A 354 -2.80 -9.15 -13.81
CA LEU A 354 -1.90 -8.24 -13.09
C LEU A 354 -2.21 -8.34 -11.61
N LEU A 355 -1.24 -8.78 -10.81
CA LEU A 355 -1.45 -9.07 -9.40
C LEU A 355 -0.90 -8.00 -8.45
N GLY A 356 -0.15 -7.02 -8.95
CA GLY A 356 0.55 -6.11 -8.06
C GLY A 356 1.36 -6.89 -7.03
N SER A 357 1.32 -6.42 -5.81
CA SER A 357 1.87 -7.15 -4.68
C SER A 357 0.77 -7.41 -3.66
N GLU A 358 1.12 -8.21 -2.64
CA GLU A 358 0.17 -8.55 -1.58
C GLU A 358 -0.22 -7.35 -0.73
N ASP A 359 0.63 -6.32 -0.66
CA ASP A 359 0.34 -5.15 0.16
C ASP A 359 -0.28 -4.00 -0.61
N PHE A 360 0.05 -3.83 -1.89
CA PHE A 360 -0.59 -2.83 -2.73
C PHE A 360 -0.84 -3.35 -4.13
N PHE A 361 -1.97 -2.98 -4.72
CA PHE A 361 -2.06 -3.14 -6.16
C PHE A 361 -1.21 -2.09 -6.85
N SER A 362 -1.50 -0.82 -6.58
CA SER A 362 -0.73 0.31 -7.10
C SER A 362 -1.23 1.63 -6.54
N ASN A 363 -0.32 2.58 -6.35
CA ASN A 363 -0.68 3.92 -5.90
C ASN A 363 -0.27 4.97 -6.94
N GLY A 364 -0.15 4.57 -8.21
CA GLY A 364 0.16 5.51 -9.28
C GLY A 364 1.63 5.90 -9.32
N MET A 365 1.86 7.15 -9.74
CA MET A 365 3.22 7.65 -9.94
C MET A 365 3.99 7.69 -8.63
N ASN A 366 5.27 7.35 -8.71
CA ASN A 366 6.18 7.46 -7.57
C ASN A 366 6.45 8.93 -7.31
N LEU A 367 5.79 9.48 -6.29
CA LEU A 367 5.94 10.90 -5.96
C LEU A 367 7.30 11.23 -5.40
N ASN A 368 8.03 10.23 -4.88
CA ASN A 368 9.36 10.48 -4.33
C ASN A 368 10.38 10.65 -5.44
N THR A 369 10.30 9.82 -6.48
CA THR A 369 11.22 10.00 -7.60
C THR A 369 10.89 11.26 -8.39
N ILE A 370 9.62 11.67 -8.40
CA ILE A 370 9.27 12.95 -8.98
C ILE A 370 9.85 14.10 -8.15
N GLU A 371 9.69 14.04 -6.82
CA GLU A 371 10.20 15.09 -5.96
C GLU A 371 11.70 15.24 -6.06
N ASN A 372 12.41 14.12 -6.27
CA ASN A 372 13.86 14.11 -6.30
C ASN A 372 14.45 14.61 -7.62
N ALA A 373 13.71 14.55 -8.73
CA ALA A 373 14.26 14.88 -10.03
C ALA A 373 14.57 16.37 -10.15
N GLU A 374 15.57 16.68 -11.00
CA GLU A 374 15.92 18.05 -11.34
C GLU A 374 14.71 18.93 -11.55
N SER A 375 13.80 18.45 -12.40
CA SER A 375 12.55 19.13 -12.70
C SER A 375 11.42 18.17 -12.37
N PRO A 376 10.71 18.36 -11.26
CA PRO A 376 9.57 17.48 -10.98
C PRO A 376 8.48 17.53 -12.03
N ALA A 377 8.23 18.70 -12.65
CA ALA A 377 7.24 18.75 -13.73
C ALA A 377 7.61 17.82 -14.87
N ASP A 378 8.88 17.88 -15.31
CA ASP A 378 9.35 17.02 -16.38
C ASP A 378 9.28 15.55 -15.97
N GLU A 379 9.75 15.23 -14.76
CA GLU A 379 9.64 13.84 -14.32
C GLU A 379 8.19 13.44 -14.16
N SER A 380 7.31 14.38 -13.73
CA SER A 380 5.88 14.07 -13.73
C SER A 380 5.38 13.78 -15.13
N TRP A 381 5.91 14.52 -16.12
CA TRP A 381 5.52 14.27 -17.51
C TRP A 381 5.96 12.89 -17.97
N ARG A 382 7.20 12.50 -17.66
CA ARG A 382 7.65 11.17 -18.02
C ARG A 382 6.82 10.09 -17.35
N ASN A 383 6.50 10.27 -16.06
CA ASN A 383 5.84 9.21 -15.29
C ASN A 383 4.42 8.97 -15.80
N ILE A 384 3.70 10.04 -16.14
CA ILE A 384 2.31 9.91 -16.59
C ILE A 384 2.25 9.31 -17.98
N ASN A 385 3.20 9.65 -18.85
CA ASN A 385 3.22 9.02 -20.17
C ASN A 385 3.58 7.55 -20.04
N ALA A 386 4.55 7.21 -19.18
CA ALA A 386 4.95 5.80 -19.04
C ALA A 386 3.80 4.96 -18.51
N ILE A 387 3.13 5.43 -17.45
CA ILE A 387 2.00 4.67 -16.92
C ILE A 387 0.85 4.65 -17.93
N ASP A 388 0.67 5.74 -18.71
CA ASP A 388 -0.30 5.70 -19.80
C ASP A 388 0.08 4.67 -20.85
N ASP A 389 1.39 4.51 -21.13
CA ASP A 389 1.81 3.48 -22.09
C ASP A 389 1.48 2.08 -21.57
N VAL A 390 1.54 1.87 -20.25
CA VAL A 390 1.12 0.59 -19.69
C VAL A 390 -0.38 0.37 -19.89
N CYS A 391 -1.18 1.40 -19.60
CA CYS A 391 -2.63 1.26 -19.76
C CYS A 391 -2.99 1.00 -21.22
N GLU A 392 -2.42 1.78 -22.13
CA GLU A 392 -2.71 1.59 -23.54
C GLU A 392 -2.39 0.16 -23.98
N GLU A 393 -1.23 -0.35 -23.57
CA GLU A 393 -0.87 -1.71 -23.95
C GLU A 393 -1.91 -2.71 -23.45
N ILE A 394 -2.34 -2.58 -22.20
CA ILE A 394 -3.40 -3.45 -21.67
C ILE A 394 -4.66 -3.33 -22.52
N LEU A 395 -5.11 -2.10 -22.77
CA LEU A 395 -6.35 -1.90 -23.53
C LEU A 395 -6.27 -2.55 -24.92
N LYS A 396 -5.13 -2.44 -25.58
CA LYS A 396 -4.96 -2.96 -26.93
C LYS A 396 -4.45 -4.41 -26.90
N THR A 397 -5.25 -5.27 -26.25
CA THR A 397 -5.03 -6.71 -26.15
C THR A 397 -6.30 -7.39 -26.66
N PRO A 398 -6.53 -7.33 -27.96
CA PRO A 398 -7.82 -7.76 -28.51
C PRO A 398 -8.05 -9.26 -28.42
N ASP A 399 -6.99 -10.05 -28.44
CA ASP A 399 -7.08 -11.50 -28.59
C ASP A 399 -6.87 -12.24 -27.27
N LYS A 400 -7.02 -11.55 -26.14
CA LYS A 400 -6.75 -12.16 -24.85
C LYS A 400 -7.58 -11.46 -23.78
N LEU A 401 -7.89 -12.20 -22.72
CA LEU A 401 -8.54 -11.62 -21.56
C LEU A 401 -7.51 -10.99 -20.63
N THR A 402 -7.84 -9.83 -20.06
CA THR A 402 -6.97 -9.16 -19.11
C THR A 402 -7.68 -9.00 -17.77
N VAL A 403 -6.97 -9.26 -16.67
CA VAL A 403 -7.61 -9.23 -15.36
C VAL A 403 -6.73 -8.46 -14.38
N ALA A 404 -7.33 -7.51 -13.67
CA ALA A 404 -6.69 -6.85 -12.56
C ALA A 404 -7.04 -7.58 -11.27
N GLY A 405 -6.02 -7.92 -10.50
CA GLY A 405 -6.21 -8.63 -9.25
C GLY A 405 -5.68 -7.87 -8.06
N MET A 406 -6.55 -7.20 -7.33
CA MET A 406 -6.14 -6.26 -6.29
C MET A 406 -5.98 -7.02 -4.98
N GLN A 407 -4.80 -7.58 -4.77
CA GLN A 407 -4.51 -8.20 -3.49
C GLN A 407 -4.43 -7.17 -2.37
N GLY A 408 -3.90 -5.96 -2.68
CA GLY A 408 -3.75 -4.87 -1.72
C GLY A 408 -4.41 -3.55 -2.08
N ASN A 409 -4.17 -2.50 -1.27
CA ASN A 409 -4.87 -1.24 -1.46
C ASN A 409 -4.45 -0.58 -2.77
N ALA A 410 -5.23 0.42 -3.17
CA ALA A 410 -4.87 1.15 -4.37
C ALA A 410 -5.50 2.53 -4.33
N GLY A 411 -4.82 3.48 -4.96
CA GLY A 411 -5.22 4.87 -4.90
C GLY A 411 -4.71 5.60 -6.12
N ALA A 412 -5.38 6.73 -6.42
CA ALA A 412 -5.02 7.61 -7.52
C ALA A 412 -4.80 6.80 -8.79
N GLY A 413 -3.71 7.06 -9.52
CA GLY A 413 -3.52 6.44 -10.83
C GLY A 413 -3.50 4.93 -10.80
N GLY A 414 -3.14 4.35 -9.65
CA GLY A 414 -3.14 2.91 -9.53
C GLY A 414 -4.52 2.30 -9.66
N VAL A 415 -5.54 3.00 -9.19
CA VAL A 415 -6.88 2.46 -9.31
C VAL A 415 -7.26 2.37 -10.78
N PHE A 416 -7.02 3.44 -11.51
CA PHE A 416 -7.42 3.48 -12.90
C PHE A 416 -6.51 2.65 -13.78
N LEU A 417 -5.26 2.40 -13.35
CA LEU A 417 -4.51 1.36 -14.01
C LEU A 417 -5.31 0.06 -14.04
N ALA A 418 -5.94 -0.28 -12.91
CA ALA A 418 -6.63 -1.56 -12.80
C ALA A 418 -7.88 -1.57 -13.64
N LEU A 419 -8.56 -0.43 -13.71
CA LEU A 419 -9.80 -0.27 -14.43
C LEU A 419 -9.65 -0.44 -15.95
N THR A 420 -8.43 -0.45 -16.49
CA THR A 420 -8.22 -0.67 -17.91
C THR A 420 -8.32 -2.13 -18.28
N CYS A 421 -8.19 -3.03 -17.30
CA CYS A 421 -8.35 -4.45 -17.55
C CYS A 421 -9.82 -4.79 -17.74
N ASP A 422 -10.07 -5.87 -18.48
CA ASP A 422 -11.45 -6.32 -18.72
C ASP A 422 -12.18 -6.58 -17.41
N LEU A 423 -11.49 -7.23 -16.47
CA LEU A 423 -12.07 -7.58 -15.18
C LEU A 423 -11.20 -7.05 -14.05
N VAL A 424 -11.85 -6.57 -13.01
CA VAL A 424 -11.16 -6.04 -11.83
C VAL A 424 -11.71 -6.79 -10.64
N PHE A 425 -10.87 -7.58 -10.00
CA PHE A 425 -11.24 -8.30 -8.80
C PHE A 425 -10.38 -7.82 -7.66
N ALA A 426 -10.93 -7.91 -6.45
CA ALA A 426 -10.23 -7.43 -5.26
C ALA A 426 -10.54 -8.32 -4.07
N ARG A 427 -9.55 -8.46 -3.19
CA ARG A 427 -9.69 -9.13 -1.91
C ARG A 427 -10.63 -8.33 -0.99
N GLU A 428 -11.33 -9.04 -0.10
CA GLU A 428 -12.08 -8.36 0.95
C GLU A 428 -11.15 -7.56 1.85
N GLY A 429 -11.54 -6.34 2.19
CA GLY A 429 -10.77 -5.45 3.03
C GLY A 429 -9.93 -4.45 2.28
N VAL A 430 -9.74 -4.64 0.98
CA VAL A 430 -9.04 -3.67 0.17
C VAL A 430 -9.74 -2.33 0.30
N VAL A 431 -8.95 -1.28 0.52
CA VAL A 431 -9.43 0.10 0.55
C VAL A 431 -8.97 0.80 -0.72
N LEU A 432 -9.86 1.60 -1.31
CA LEU A 432 -9.61 2.26 -2.57
C LEU A 432 -9.74 3.78 -2.41
N ASN A 433 -8.85 4.52 -3.07
CA ASN A 433 -8.97 5.97 -3.18
C ASN A 433 -8.94 6.37 -4.65
N PRO A 434 -10.07 6.25 -5.35
CA PRO A 434 -10.14 6.59 -6.79
C PRO A 434 -10.23 8.09 -7.02
N HIS A 435 -9.22 8.83 -6.58
CA HIS A 435 -9.31 10.27 -6.62
C HIS A 435 -7.94 10.88 -6.41
N TYR A 436 -7.81 12.14 -6.80
CA TYR A 436 -6.57 12.90 -6.67
C TYR A 436 -6.72 14.04 -5.68
N LYS A 437 -7.68 13.93 -4.75
CA LYS A 437 -7.93 15.01 -3.81
C LYS A 437 -6.79 15.19 -2.83
N ASN A 438 -5.92 14.19 -2.69
CA ASN A 438 -4.78 14.34 -1.77
C ASN A 438 -3.50 14.81 -2.45
N ILE A 439 -3.48 14.91 -3.78
CA ILE A 439 -2.27 15.25 -4.54
C ILE A 439 -2.53 16.48 -5.43
N GLY A 440 -3.29 17.43 -4.91
CA GLY A 440 -3.43 18.72 -5.61
C GLY A 440 -4.45 18.75 -6.73
N ASN A 441 -5.42 17.85 -6.70
CA ASN A 441 -6.53 17.86 -7.67
C ASN A 441 -6.02 17.68 -9.10
N LEU A 442 -5.10 16.74 -9.29
CA LEU A 442 -4.70 16.33 -10.62
C LEU A 442 -5.91 15.80 -11.38
N TYR A 443 -5.99 16.15 -12.67
CA TYR A 443 -7.08 15.67 -13.51
C TYR A 443 -7.09 14.15 -13.61
N GLY A 444 -5.92 13.53 -13.57
CA GLY A 444 -5.80 12.11 -13.75
C GLY A 444 -5.73 11.74 -15.22
N SER A 445 -5.19 10.56 -15.48
CA SER A 445 -5.17 10.07 -16.85
C SER A 445 -5.51 8.59 -16.83
N GLU A 446 -4.64 7.76 -17.40
CA GLU A 446 -4.80 6.30 -17.42
C GLU A 446 -6.05 5.85 -18.18
N PHE A 447 -6.58 6.69 -19.07
CA PHE A 447 -7.78 6.39 -19.86
C PHE A 447 -9.06 6.36 -19.01
N TRP A 448 -9.07 7.08 -17.89
CA TRP A 448 -10.27 7.13 -17.06
C TRP A 448 -11.45 7.80 -17.78
N THR A 449 -11.20 8.72 -18.72
CA THR A 449 -12.33 9.27 -19.49
C THR A 449 -12.97 8.21 -20.38
N TYR A 450 -12.18 7.24 -20.86
CA TYR A 450 -12.78 6.06 -21.48
C TYR A 450 -13.23 5.06 -20.43
N THR A 451 -12.33 4.70 -19.53
CA THR A 451 -12.51 3.54 -18.67
C THR A 451 -13.65 3.72 -17.66
N LEU A 452 -13.76 4.91 -17.07
CA LEU A 452 -14.65 5.08 -15.92
C LEU A 452 -16.12 5.11 -16.32
N PRO A 453 -16.56 5.89 -17.30
CA PRO A 453 -18.00 5.94 -17.57
C PRO A 453 -18.53 4.66 -18.16
N LYS A 454 -17.69 3.91 -18.90
CA LYS A 454 -18.02 2.56 -19.32
C LYS A 454 -18.35 1.63 -18.17
N ARG A 455 -18.20 2.08 -16.92
CA ARG A 455 -18.54 1.29 -15.75
C ARG A 455 -19.61 1.91 -14.86
N VAL A 456 -19.74 3.24 -14.81
CA VAL A 456 -20.67 3.88 -13.88
C VAL A 456 -21.36 5.12 -14.46
N GLY A 457 -21.05 5.49 -15.70
CA GLY A 457 -21.64 6.68 -16.27
C GLY A 457 -21.00 7.98 -15.80
N TRP A 458 -21.06 9.02 -16.63
CA TRP A 458 -20.30 10.23 -16.37
C TRP A 458 -20.74 10.93 -15.10
N GLU A 459 -22.01 10.80 -14.72
CA GLU A 459 -22.48 11.47 -13.51
C GLU A 459 -21.86 10.82 -12.28
N LYS A 460 -21.83 9.49 -12.21
CA LYS A 460 -21.27 8.85 -11.02
C LYS A 460 -19.75 8.90 -11.03
N GLY A 461 -19.14 8.64 -12.18
CA GLY A 461 -17.69 8.65 -12.25
C GLY A 461 -17.09 9.95 -11.75
N LYS A 462 -17.69 11.07 -12.15
CA LYS A 462 -17.19 12.35 -11.63
C LYS A 462 -17.49 12.49 -10.15
N GLU A 463 -18.59 11.90 -9.69
CA GLU A 463 -18.87 11.87 -8.26
C GLU A 463 -17.83 11.04 -7.52
N VAL A 464 -17.45 9.90 -8.09
CA VAL A 464 -16.42 9.06 -7.49
C VAL A 464 -15.15 9.87 -7.26
N MET A 465 -14.65 10.52 -8.30
CA MET A 465 -13.40 11.29 -8.26
C MET A 465 -13.49 12.55 -7.40
N GLU A 466 -14.68 13.02 -7.01
CA GLU A 466 -14.78 14.21 -6.17
C GLU A 466 -14.75 13.89 -4.69
N ASN A 467 -14.83 12.63 -4.32
CA ASN A 467 -14.94 12.21 -2.94
C ASN A 467 -13.54 11.91 -2.38
N ARG A 468 -13.08 12.74 -1.45
CA ARG A 468 -11.76 12.52 -0.87
C ARG A 468 -11.72 11.37 0.15
N MET A 469 -12.92 10.77 0.50
CA MET A 469 -12.86 9.70 1.47
C MET A 469 -12.78 8.33 0.79
N PRO A 470 -12.14 7.35 1.42
CA PRO A 470 -11.95 6.04 0.79
C PRO A 470 -13.25 5.23 0.73
N ILE A 471 -13.24 4.20 -0.11
CA ILE A 471 -14.29 3.21 -0.19
C ILE A 471 -13.67 1.81 -0.17
N SER A 472 -14.39 0.86 0.42
CA SER A 472 -13.93 -0.52 0.44
C SER A 472 -14.07 -1.15 -0.95
N SER A 473 -13.38 -2.29 -1.12
CA SER A 473 -13.61 -3.09 -2.32
C SER A 473 -15.05 -3.58 -2.37
N LYS A 474 -15.70 -3.71 -1.22
CA LYS A 474 -17.11 -4.09 -1.19
C LYS A 474 -17.97 -2.98 -1.78
N LYS A 475 -17.79 -1.74 -1.31
CA LYS A 475 -18.60 -0.66 -1.84
C LYS A 475 -18.31 -0.43 -3.32
N ALA A 476 -17.04 -0.61 -3.72
CA ALA A 476 -16.67 -0.39 -5.11
C ALA A 476 -17.39 -1.38 -6.02
N PHE A 477 -17.50 -2.63 -5.56
CA PHE A 477 -18.25 -3.63 -6.30
C PHE A 477 -19.70 -3.22 -6.45
N GLU A 478 -20.32 -2.77 -5.34
CA GLU A 478 -21.74 -2.40 -5.36
C GLU A 478 -22.03 -1.35 -6.41
N ILE A 479 -21.17 -0.33 -6.52
CA ILE A 479 -21.39 0.74 -7.49
C ILE A 479 -21.00 0.35 -8.90
N GLY A 480 -20.51 -0.87 -9.12
CA GLY A 480 -20.10 -1.31 -10.44
C GLY A 480 -18.71 -0.85 -10.84
N LEU A 481 -17.98 -0.22 -9.94
CA LEU A 481 -16.62 0.20 -10.24
C LEU A 481 -15.72 -0.99 -10.52
N ILE A 482 -15.90 -2.08 -9.76
CA ILE A 482 -15.16 -3.32 -9.98
C ILE A 482 -16.15 -4.47 -10.15
N ASP A 483 -15.62 -5.61 -10.58
CA ASP A 483 -16.44 -6.73 -11.05
C ASP A 483 -16.46 -7.91 -10.08
N GLY A 484 -16.20 -7.68 -8.80
CA GLY A 484 -16.21 -8.78 -7.85
C GLY A 484 -15.17 -8.71 -6.76
N VAL A 485 -15.60 -9.01 -5.55
CA VAL A 485 -14.75 -9.01 -4.36
C VAL A 485 -14.87 -10.37 -3.71
N PHE A 486 -13.73 -10.90 -3.25
CA PHE A 486 -13.74 -12.18 -2.56
C PHE A 486 -12.37 -12.38 -1.93
N GLY A 487 -12.31 -13.35 -1.01
CA GLY A 487 -11.08 -13.71 -0.31
C GLY A 487 -10.88 -12.90 0.95
N LYS A 488 -10.28 -13.52 1.95
CA LYS A 488 -9.91 -12.86 3.19
C LYS A 488 -8.42 -12.57 3.31
N THR A 489 -7.57 -13.42 2.74
CA THR A 489 -6.13 -13.21 2.65
C THR A 489 -5.69 -13.03 1.21
N PRO A 490 -4.53 -12.41 0.99
CA PRO A 490 -3.89 -12.50 -0.34
C PRO A 490 -3.88 -13.90 -0.94
N LYS A 491 -3.39 -14.90 -0.21
CA LYS A 491 -3.25 -16.24 -0.80
C LYS A 491 -4.61 -16.82 -1.18
N GLU A 492 -5.63 -16.64 -0.34
CA GLU A 492 -6.97 -17.12 -0.69
C GLU A 492 -7.45 -16.44 -1.97
N PHE A 493 -7.43 -15.11 -1.99
CA PHE A 493 -7.81 -14.33 -3.16
C PHE A 493 -7.10 -14.86 -4.41
N ARG A 494 -5.77 -15.09 -4.32
CA ARG A 494 -5.05 -15.62 -5.48
C ARG A 494 -5.66 -16.94 -5.96
N GLN A 495 -5.85 -17.90 -5.04
CA GLN A 495 -6.45 -19.19 -5.40
C GLN A 495 -7.82 -19.01 -6.05
N ARG A 496 -8.74 -18.33 -5.35
CA ARG A 496 -10.09 -18.16 -5.88
C ARG A 496 -10.06 -17.44 -7.22
N LEU A 497 -9.19 -16.43 -7.35
CA LEU A 497 -9.08 -15.72 -8.62
C LEU A 497 -8.63 -16.64 -9.74
N LYS A 498 -7.66 -17.51 -9.47
CA LYS A 498 -7.18 -18.44 -10.48
C LYS A 498 -8.30 -19.38 -10.93
N GLU A 499 -9.00 -19.98 -9.97
CA GLU A 499 -10.03 -20.95 -10.33
C GLU A 499 -11.21 -20.28 -11.01
N ARG A 500 -11.43 -19.00 -10.76
CA ARG A 500 -12.50 -18.27 -11.43
C ARG A 500 -12.11 -17.92 -12.87
N ILE A 501 -10.88 -17.46 -13.08
CA ILE A 501 -10.39 -17.23 -14.44
C ILE A 501 -10.24 -18.55 -15.18
N LYS A 502 -9.83 -19.61 -14.47
CA LYS A 502 -9.66 -20.92 -15.08
C LYS A 502 -10.96 -21.41 -15.70
N ASN A 503 -12.06 -21.29 -14.97
CA ASN A 503 -13.33 -21.76 -15.50
C ASN A 503 -13.71 -21.02 -16.76
N PHE A 504 -13.43 -19.71 -16.81
CA PHE A 504 -13.98 -18.89 -17.89
C PHE A 504 -13.29 -19.18 -19.22
N ILE A 505 -11.96 -19.34 -19.20
CA ILE A 505 -11.24 -19.63 -20.44
C ILE A 505 -11.44 -21.07 -20.88
N ASN A 506 -11.96 -21.92 -19.99
CA ASN A 506 -12.39 -23.27 -20.36
C ASN A 506 -13.92 -23.32 -20.50
N SER A 507 -14.44 -22.44 -21.35
CA SER A 507 -15.85 -22.45 -21.68
C SER A 507 -16.02 -21.79 -23.03
N LYS A 508 -17.17 -22.02 -23.66
CA LYS A 508 -17.40 -21.37 -24.94
C LYS A 508 -17.65 -19.88 -24.80
N ASP A 509 -17.97 -19.42 -23.58
CA ASP A 509 -18.12 -17.99 -23.36
C ASP A 509 -16.84 -17.23 -23.68
N PHE A 510 -15.68 -17.80 -23.34
CA PHE A 510 -14.41 -17.12 -23.58
C PHE A 510 -14.21 -16.77 -25.05
N TYR A 511 -14.55 -17.68 -25.96
CA TYR A 511 -14.39 -17.40 -27.39
C TYR A 511 -15.46 -16.46 -27.90
N GLU A 512 -16.68 -16.52 -27.35
CA GLU A 512 -17.70 -15.58 -27.76
C GLU A 512 -17.42 -14.18 -27.24
N PHE A 513 -16.53 -14.06 -26.24
CA PHE A 513 -16.09 -12.78 -25.69
C PHE A 513 -14.95 -12.18 -26.48
N ILE A 514 -13.97 -13.00 -26.86
CA ILE A 514 -12.90 -12.50 -27.71
C ILE A 514 -13.46 -12.14 -29.08
N GLU A 515 -14.56 -12.77 -29.49
CA GLU A 515 -15.20 -12.40 -30.75
C GLU A 515 -15.52 -10.92 -30.76
N LYS A 516 -16.27 -10.46 -29.76
CA LYS A 516 -16.60 -9.04 -29.68
C LYS A 516 -15.35 -8.20 -29.51
N LYS A 517 -14.47 -8.59 -28.58
CA LYS A 517 -13.31 -7.76 -28.26
C LYS A 517 -12.37 -7.60 -29.45
N LYS A 518 -12.15 -8.68 -30.21
CA LYS A 518 -11.37 -8.55 -31.44
C LYS A 518 -12.00 -7.55 -32.40
N LYS A 519 -13.34 -7.55 -32.50
CA LYS A 519 -14.03 -6.68 -33.45
C LYS A 519 -13.85 -5.22 -33.07
N GLU A 520 -14.22 -4.86 -31.83
CA GLU A 520 -14.17 -3.47 -31.39
C GLU A 520 -12.74 -2.97 -31.29
N ARG A 521 -11.87 -3.73 -30.62
CA ARG A 521 -10.54 -3.23 -30.26
C ARG A 521 -9.53 -3.38 -31.39
N THR A 522 -9.99 -3.58 -32.61
CA THR A 522 -9.16 -3.40 -33.79
C THR A 522 -9.79 -2.46 -34.80
N SER A 523 -11.02 -2.01 -34.55
CA SER A 523 -11.66 -1.05 -35.44
C SER A 523 -11.06 0.33 -35.23
N GLY A 524 -11.05 1.12 -36.31
CA GLY A 524 -10.46 2.45 -36.23
C GLY A 524 -11.24 3.39 -35.36
N GLU A 525 -12.56 3.17 -35.24
CA GLU A 525 -13.40 4.04 -34.40
C GLU A 525 -13.11 3.87 -32.92
N TRP A 526 -12.51 2.75 -32.52
CA TRP A 526 -12.14 2.53 -31.13
C TRP A 526 -10.72 3.01 -30.85
N LEU A 527 -9.78 2.71 -31.75
CA LEU A 527 -8.39 3.15 -31.54
C LEU A 527 -8.31 4.67 -31.48
N GLU A 528 -9.11 5.35 -32.31
CA GLU A 528 -9.10 6.82 -32.32
C GLU A 528 -9.89 7.40 -31.16
N GLU A 529 -10.95 6.71 -30.74
CA GLU A 529 -11.62 7.08 -29.51
C GLU A 529 -10.64 7.14 -28.34
N ILE A 530 -9.94 6.02 -28.08
CA ILE A 530 -9.07 5.98 -26.92
C ILE A 530 -7.87 6.91 -27.10
N GLN A 531 -7.43 7.14 -28.35
CA GLN A 531 -6.29 8.05 -28.54
C GLN A 531 -6.68 9.48 -28.21
N LYS A 532 -7.92 9.87 -28.54
CA LYS A 532 -8.42 11.18 -28.16
C LYS A 532 -8.60 11.30 -26.65
N CYS A 533 -8.85 10.18 -25.96
CA CYS A 533 -8.92 10.18 -24.51
C CYS A 533 -7.56 10.46 -23.89
N ARG A 534 -6.54 9.68 -24.30
CA ARG A 534 -5.19 9.92 -23.79
C ARG A 534 -4.75 11.35 -24.05
N GLU A 535 -5.09 11.88 -25.23
CA GLU A 535 -4.71 13.25 -25.58
C GLU A 535 -5.40 14.25 -24.69
N HIS A 536 -6.72 14.10 -24.50
CA HIS A 536 -7.46 15.06 -23.69
C HIS A 536 -6.97 15.05 -22.25
N GLU A 537 -6.61 13.87 -21.73
CA GLU A 537 -6.15 13.74 -20.35
C GLU A 537 -4.77 14.36 -20.17
N LEU A 538 -3.84 14.06 -21.09
CA LEU A 538 -2.49 14.59 -20.92
C LEU A 538 -2.47 16.12 -21.00
N GLU A 539 -3.37 16.71 -21.78
CA GLU A 539 -3.41 18.17 -21.84
C GLU A 539 -3.84 18.76 -20.50
N LYS A 540 -4.82 18.14 -19.85
CA LYS A 540 -5.20 18.60 -18.52
C LYS A 540 -4.05 18.40 -17.54
N MET A 541 -3.38 17.25 -17.64
CA MET A 541 -2.28 16.93 -16.75
C MET A 541 -1.07 17.81 -17.00
N LYS A 542 -0.85 18.19 -18.27
CA LYS A 542 0.23 19.12 -18.59
C LYS A 542 -0.01 20.47 -17.91
N LEU A 543 -1.26 20.97 -17.94
CA LEU A 543 -1.59 22.17 -17.19
C LEU A 543 -1.32 21.99 -15.70
N ASN A 544 -1.62 20.81 -15.16
CA ASN A 544 -1.39 20.54 -13.73
C ASN A 544 0.09 20.61 -13.38
N PHE A 545 0.95 20.16 -14.28
CA PHE A 545 2.37 20.05 -14.00
C PHE A 545 3.13 21.34 -14.27
N TYR A 546 2.62 22.17 -15.18
CA TYR A 546 3.32 23.38 -15.61
C TYR A 546 2.52 24.68 -15.47
N GLY A 547 1.22 24.63 -15.21
CA GLY A 547 0.42 25.83 -15.16
C GLY A 547 0.78 26.73 -13.99
N PHE A 548 0.09 27.88 -13.97
CA PHE A 548 0.30 28.87 -12.91
C PHE A 548 -0.07 28.32 -11.54
N ASP A 549 -1.17 27.59 -11.47
CA ASP A 549 -1.65 27.03 -10.21
C ASP A 549 -0.75 25.85 -9.84
N THR A 550 -0.04 25.96 -8.72
CA THR A 550 0.97 24.97 -8.35
C THR A 550 0.48 23.97 -7.31
N SER A 551 -0.84 23.82 -7.16
CA SER A 551 -1.42 22.96 -6.12
C SER A 551 -0.76 21.60 -6.08
N TYR A 552 -0.58 20.98 -7.26
CA TYR A 552 -0.02 19.63 -7.33
C TYR A 552 1.38 19.56 -6.70
N HIS A 553 2.24 20.52 -7.02
CA HIS A 553 3.60 20.51 -6.47
C HIS A 553 3.59 20.82 -4.97
N ILE A 554 2.72 21.75 -4.53
CA ILE A 554 2.55 22.00 -3.09
C ILE A 554 2.18 20.70 -2.38
N ALA A 555 1.15 20.01 -2.89
CA ALA A 555 0.66 18.84 -2.17
C ALA A 555 1.66 17.68 -2.23
N ARG A 556 2.36 17.51 -3.36
CA ARG A 556 3.44 16.52 -3.43
C ARG A 556 4.51 16.78 -2.38
N TYR A 557 4.90 18.04 -2.20
CA TYR A 557 5.95 18.37 -1.24
C TYR A 557 5.62 17.87 0.16
N TYR A 558 4.38 18.09 0.62
CA TYR A 558 4.01 17.69 1.97
C TYR A 558 3.74 16.19 2.07
N PHE A 559 3.12 15.59 1.05
CA PHE A 559 2.94 14.15 1.05
C PHE A 559 4.26 13.44 1.28
N VAL A 560 5.29 13.89 0.58
CA VAL A 560 6.58 13.20 0.57
C VAL A 560 7.42 13.50 1.82
N ARG A 561 7.14 14.57 2.56
CA ARG A 561 7.95 14.85 3.75
C ARG A 561 7.18 14.65 5.07
N ALA A 562 6.12 13.84 5.07
CA ALA A 562 5.37 13.51 6.28
C ALA A 562 5.76 12.14 6.88
N1A COA B . 4.33 7.74 -4.31
C2A COA B . 5.30 7.68 -3.34
N3A COA B . 5.04 7.08 -2.13
C4A COA B . 3.78 6.54 -1.87
C5A COA B . 2.83 6.61 -2.83
C6A COA B . 3.12 7.23 -4.07
N6A COA B . 2.27 7.39 -5.21
N7A COA B . 1.71 6.04 -2.35
C8A COA B . 1.96 5.62 -1.09
N9A COA B . 3.23 5.93 -0.78
C1B COA B . 3.92 5.68 0.48
C2B COA B . 3.69 6.65 1.35
O2B COA B . 4.65 7.73 1.25
C3B COA B . 3.88 6.00 2.76
O3B COA B . 5.16 6.22 3.11
P3B COA B . 5.83 5.83 4.62
O7A COA B . 5.34 4.47 5.07
O8A COA B . 7.37 5.86 4.41
O9A COA B . 5.45 6.85 5.68
C4B COA B . 3.53 4.48 2.52
O4B COA B . 3.33 4.33 1.23
C5B COA B . 2.24 4.13 3.23
O5B COA B . 1.21 4.77 2.51
P1A COA B . 0.10 5.73 3.29
O1A COA B . 0.01 7.09 2.64
O2A COA B . 0.36 5.88 4.77
O3A COA B . -1.30 4.87 3.06
P2A COA B . -2.88 5.38 3.41
O4A COA B . -3.73 4.15 3.68
O5A COA B . -2.89 6.31 4.60
O6A COA B . -3.43 6.17 2.05
CBP COA B . -3.49 6.67 -0.27
CCP COA B . -3.36 5.55 0.77
CDP COA B . -3.65 6.10 -1.65
CEP COA B . -4.72 7.48 0.05
CAP COA B . -2.21 7.55 -0.07
OAP COA B . -1.11 6.75 0.13
C9P COA B . -1.89 8.58 -1.21
O9P COA B . -2.46 9.67 -1.25
N8P COA B . -0.83 8.22 -2.23
C7P COA B . -0.45 9.17 -3.35
C6P COA B . -0.90 8.57 -4.69
C5P COA B . -0.71 9.66 -5.77
O5P COA B . -1.19 10.74 -5.60
N4P COA B . 0.04 9.38 -6.93
C3P COA B . 0.24 10.42 -7.95
C2P COA B . -0.97 10.46 -8.96
S1P COA B . -1.02 8.89 -9.94
C1 GOL C . -1.14 -18.12 -9.43
O1 GOL C . -1.77 -18.75 -8.36
C2 GOL C . 0.22 -17.59 -8.91
O2 GOL C . 0.09 -16.41 -8.23
C3 GOL C . 1.10 -17.47 -10.19
O3 GOL C . 2.38 -17.07 -9.79
#